data_2GOO
#
_entry.id   2GOO
#
_cell.length_a   104.031
_cell.length_b   104.031
_cell.length_c   362.526
_cell.angle_alpha   90.00
_cell.angle_beta   90.00
_cell.angle_gamma   120.00
#
_symmetry.space_group_name_H-M   'P 65 2 2'
#
loop_
_entity.id
_entity.type
_entity.pdbx_description
1 polymer 'Bone morphogenetic protein 2'
2 polymer 'Bone morphogenetic protein receptor type IA'
3 polymer 'Activin receptor type 2A'
4 non-polymer 2-acetamido-2-deoxy-alpha-D-glucopyranose
5 water water
#
loop_
_entity_poly.entity_id
_entity_poly.type
_entity_poly.pdbx_seq_one_letter_code
_entity_poly.pdbx_strand_id
1 'polypeptide(L)'
;QAKHKQRKRLKSSCKRHPLYVDFSDVGWNDWIVAPPGYHAFYCHGECPFPLADHLNSTNHAIVQTLVNSVNSKIPKACCV
PTELSAISMLYLDENEKVVLKNYQDMVVEGCGCR
;
A,D
2 'polypeptide(L)'
;GSQNLDSMLHGTGMKSDSDQKKSENGVTLAPEDTLPFLKCYCSGHCPDDAINNTCITNGHCFAIIEEDDQGETTLASGCM
KYEGSDFQCKDSPKAQLRRTIECCRTNLCNQYLQPTLPPVVIGPFFDGSIR
;
B,E
3 'polypeptide(L)'
;AILGRSETQECLFFNANWERDRTNQTGVEPCYGDKDKRRHCFATWKNISGSIEIVKQGCWLDDINCYDRTDCIEKKDSPE
VYFCCCEGNMCNEKFSYFPEME
;
C,F
#
loop_
_chem_comp.id
_chem_comp.type
_chem_comp.name
_chem_comp.formula
NDG D-saccharide, alpha linking 2-acetamido-2-deoxy-alpha-D-glucopyranose 'C8 H15 N O6'
#
# COMPACT_ATOMS: atom_id res chain seq x y z
N SER A 12 -2.22 14.74 -11.42
CA SER A 12 -1.42 13.47 -11.39
C SER A 12 0.00 13.67 -11.96
N SER A 13 0.98 13.08 -11.28
CA SER A 13 2.40 13.17 -11.64
C SER A 13 2.77 12.33 -12.86
N CYS A 14 3.87 12.72 -13.52
CA CYS A 14 4.43 12.01 -14.68
C CYS A 14 4.51 10.50 -14.48
N LYS A 15 3.83 9.73 -15.32
CA LYS A 15 3.91 8.28 -15.22
C LYS A 15 3.52 7.59 -16.53
N ARG A 16 3.73 6.28 -16.58
CA ARG A 16 3.29 5.45 -17.70
C ARG A 16 1.80 5.07 -17.58
N HIS A 17 1.09 5.19 -18.71
CA HIS A 17 -0.32 4.87 -18.82
C HIS A 17 -0.50 3.78 -19.87
N PRO A 18 -1.57 2.97 -19.76
CA PRO A 18 -1.77 1.91 -20.75
C PRO A 18 -2.17 2.43 -22.15
N LEU A 19 -1.74 1.70 -23.17
CA LEU A 19 -2.10 1.93 -24.56
C LEU A 19 -1.68 0.68 -25.33
N TYR A 20 -2.70 -0.09 -25.74
CA TYR A 20 -2.52 -1.22 -26.63
C TYR A 20 -2.83 -0.70 -28.04
N VAL A 21 -1.89 -0.87 -28.96
CA VAL A 21 -2.07 -0.46 -30.33
C VAL A 21 -2.55 -1.69 -31.08
N ASP A 22 -3.80 -1.66 -31.52
CA ASP A 22 -4.37 -2.78 -32.24
C ASP A 22 -4.32 -2.41 -33.71
N PHE A 23 -3.69 -3.25 -34.53
CA PHE A 23 -3.47 -2.85 -35.92
C PHE A 23 -4.74 -2.75 -36.78
N SER A 24 -5.79 -3.46 -36.35
CA SER A 24 -7.12 -3.33 -36.96
C SER A 24 -7.73 -1.95 -36.76
N ASP A 25 -7.64 -1.47 -35.52
CA ASP A 25 -8.06 -0.12 -35.12
C ASP A 25 -7.43 1.01 -35.93
N VAL A 26 -6.16 0.87 -36.30
CA VAL A 26 -5.49 1.95 -37.04
C VAL A 26 -5.51 1.72 -38.56
N GLY A 27 -6.09 0.58 -38.95
CA GLY A 27 -6.28 0.22 -40.35
C GLY A 27 -5.03 -0.34 -41.02
N TRP A 28 -4.23 -1.08 -40.26
CA TRP A 28 -2.96 -1.63 -40.74
C TRP A 28 -2.95 -3.15 -40.83
N ASN A 29 -4.13 -3.75 -40.71
CA ASN A 29 -4.30 -5.20 -40.83
C ASN A 29 -3.87 -5.75 -42.20
N ASP A 30 -4.04 -4.95 -43.24
CA ASP A 30 -3.70 -5.33 -44.62
C ASP A 30 -2.20 -5.40 -44.88
N TRP A 31 -1.43 -4.84 -43.95
CA TRP A 31 -0.04 -4.52 -44.22
C TRP A 31 0.89 -5.25 -43.25
N ILE A 32 0.46 -5.34 -41.98
CA ILE A 32 1.22 -6.04 -40.96
C ILE A 32 0.64 -7.43 -40.73
N VAL A 33 1.43 -8.47 -41.00
CA VAL A 33 0.94 -9.83 -40.80
C VAL A 33 1.06 -10.25 -39.32
N ALA A 34 2.03 -9.68 -38.61
CA ALA A 34 2.23 -9.98 -37.18
C ALA A 34 3.13 -8.93 -36.52
N PRO A 35 2.86 -8.60 -35.24
CA PRO A 35 1.81 -9.14 -34.36
C PRO A 35 0.44 -8.54 -34.71
N PRO A 36 -0.66 -9.03 -34.11
CA PRO A 36 -1.95 -8.32 -34.34
C PRO A 36 -2.00 -6.92 -33.71
N GLY A 37 -1.11 -6.67 -32.75
CA GLY A 37 -1.00 -5.38 -32.07
C GLY A 37 -0.05 -5.54 -30.91
N TYR A 38 0.15 -4.48 -30.13
CA TYR A 38 1.10 -4.55 -29.02
C TYR A 38 0.84 -3.46 -28.00
N HIS A 39 1.25 -3.69 -26.76
CA HIS A 39 1.19 -2.66 -25.72
C HIS A 39 2.34 -1.69 -25.91
N ALA A 40 2.01 -0.48 -26.35
CA ALA A 40 2.99 0.56 -26.58
C ALA A 40 3.21 1.37 -25.33
N PHE A 41 2.13 1.57 -24.57
CA PHE A 41 2.06 2.52 -23.45
C PHE A 41 2.26 3.98 -23.91
N TYR A 42 2.07 4.92 -22.99
CA TYR A 42 2.47 6.31 -23.20
C TYR A 42 2.73 6.97 -21.85
N CYS A 43 3.42 8.11 -21.90
CA CYS A 43 3.79 8.86 -20.71
C CYS A 43 2.94 10.11 -20.64
N HIS A 44 2.48 10.44 -19.43
CA HIS A 44 1.67 11.63 -19.21
C HIS A 44 1.61 12.02 -17.72
N GLY A 45 1.62 13.33 -17.47
CA GLY A 45 1.41 13.86 -16.13
C GLY A 45 2.39 14.96 -15.82
N GLU A 46 2.09 15.69 -14.74
CA GLU A 46 2.86 16.86 -14.33
C GLU A 46 4.27 16.49 -13.88
N CYS A 47 5.19 17.41 -14.14
CA CYS A 47 6.56 17.31 -13.66
C CYS A 47 6.75 18.34 -12.56
N PRO A 48 6.57 17.94 -11.28
CA PRO A 48 6.55 18.92 -10.19
C PRO A 48 7.94 19.26 -9.63
N PHE A 49 8.01 20.28 -8.78
CA PHE A 49 9.21 20.45 -7.98
C PHE A 49 9.04 19.67 -6.66
N PRO A 50 10.06 18.91 -6.22
CA PRO A 50 11.29 18.61 -6.96
C PRO A 50 11.05 17.42 -7.89
N LEU A 51 11.98 17.17 -8.79
CA LEU A 51 11.86 16.03 -9.67
C LEU A 51 12.55 14.86 -8.97
N ALA A 52 11.77 13.83 -8.65
CA ALA A 52 12.27 12.69 -7.90
C ALA A 52 13.18 11.80 -8.75
N ASP A 53 13.93 10.94 -8.08
CA ASP A 53 14.91 10.05 -8.69
C ASP A 53 14.38 9.25 -9.89
N HIS A 54 13.18 8.70 -9.77
CA HIS A 54 12.65 7.83 -10.83
C HIS A 54 12.24 8.60 -12.11
N LEU A 55 12.29 9.93 -12.08
CA LEU A 55 11.97 10.73 -13.27
C LEU A 55 13.19 10.97 -14.15
N ASN A 56 14.34 10.50 -13.67
CA ASN A 56 15.62 10.55 -14.40
C ASN A 56 15.83 11.85 -15.19
N SER A 57 15.71 12.97 -14.49
CA SER A 57 15.78 14.26 -15.15
C SER A 57 17.21 14.70 -15.45
N THR A 58 17.35 15.52 -16.49
CA THR A 58 18.60 16.19 -16.80
C THR A 58 18.70 17.40 -15.87
N ASN A 59 19.90 17.97 -15.74
CA ASN A 59 20.09 19.26 -15.11
C ASN A 59 19.19 20.35 -15.72
N HIS A 60 19.04 20.33 -17.05
CA HIS A 60 18.20 21.32 -17.72
C HIS A 60 16.74 21.27 -17.26
N ALA A 61 16.15 20.08 -17.21
CA ALA A 61 14.76 19.94 -16.77
C ALA A 61 14.58 20.40 -15.31
N ILE A 62 15.59 20.17 -14.48
CA ILE A 62 15.58 20.65 -13.10
C ILE A 62 15.61 22.18 -12.99
N VAL A 63 16.50 22.81 -13.76
CA VAL A 63 16.60 24.27 -13.81
C VAL A 63 15.30 24.90 -14.36
N GLN A 64 14.78 24.33 -15.46
CA GLN A 64 13.51 24.77 -16.02
C GLN A 64 12.31 24.64 -15.06
N THR A 65 12.27 23.57 -14.29
CA THR A 65 11.25 23.39 -13.25
C THR A 65 11.31 24.50 -12.19
N LEU A 66 12.52 24.83 -11.79
CA LEU A 66 12.77 25.92 -10.85
C LEU A 66 12.46 27.31 -11.44
N VAL A 67 12.78 27.51 -12.73
CA VAL A 67 12.40 28.75 -13.41
C VAL A 67 10.88 28.87 -13.56
N ASN A 68 10.20 27.78 -13.90
CA ASN A 68 8.76 27.78 -13.92
C ASN A 68 8.13 28.15 -12.56
N SER A 69 8.76 27.72 -11.46
CA SER A 69 8.36 28.08 -10.08
C SER A 69 8.40 29.58 -9.83
N VAL A 70 9.35 30.26 -10.46
CA VAL A 70 9.60 31.70 -10.26
C VAL A 70 8.72 32.57 -11.18
N ASN A 71 8.44 32.03 -12.37
CA ASN A 71 7.57 32.67 -13.35
C ASN A 71 7.02 31.59 -14.27
N SER A 72 5.72 31.34 -14.17
CA SER A 72 5.07 30.26 -14.91
C SER A 72 4.86 30.50 -16.42
N LYS A 73 5.27 31.66 -16.93
CA LYS A 73 5.37 31.88 -18.39
C LYS A 73 6.38 30.91 -19.01
N ILE A 74 7.40 30.55 -18.24
CA ILE A 74 8.30 29.48 -18.62
C ILE A 74 7.63 28.14 -18.31
N PRO A 75 7.41 27.30 -19.35
CA PRO A 75 6.72 26.03 -19.15
C PRO A 75 7.48 25.04 -18.25
N LYS A 76 6.72 24.15 -17.63
CA LYS A 76 7.22 23.02 -16.90
C LYS A 76 7.93 22.08 -17.87
N ALA A 77 8.90 21.33 -17.34
CA ALA A 77 9.47 20.20 -18.04
C ALA A 77 8.37 19.22 -18.44
N CYS A 78 8.70 18.32 -19.34
CA CYS A 78 7.70 17.48 -19.92
C CYS A 78 7.93 15.99 -19.67
N CYS A 79 6.82 15.24 -19.54
CA CYS A 79 6.84 13.80 -19.25
C CYS A 79 6.96 12.98 -20.54
N VAL A 80 8.07 12.26 -20.69
CA VAL A 80 8.36 11.53 -21.92
C VAL A 80 8.99 10.16 -21.60
N PRO A 81 9.00 9.23 -22.58
CA PRO A 81 9.71 7.95 -22.38
C PRO A 81 11.22 8.17 -22.24
N THR A 82 11.82 7.56 -21.21
CA THR A 82 13.26 7.67 -21.01
C THR A 82 13.96 6.32 -21.21
N GLU A 83 13.16 5.27 -21.33
CA GLU A 83 13.66 3.93 -21.63
C GLU A 83 12.63 3.23 -22.50
N LEU A 84 13.08 2.65 -23.61
CA LEU A 84 12.14 1.97 -24.52
C LEU A 84 12.68 0.62 -24.95
N SER A 85 11.78 -0.25 -25.38
CA SER A 85 12.19 -1.56 -25.89
C SER A 85 11.61 -1.83 -27.28
N ALA A 86 12.13 -2.87 -27.90
CA ALA A 86 11.88 -3.21 -29.29
C ALA A 86 10.82 -4.28 -29.46
N ILE A 87 10.26 -4.38 -30.66
CA ILE A 87 9.37 -5.48 -31.04
C ILE A 87 9.68 -6.01 -32.43
N SER A 88 9.42 -7.31 -32.62
CA SER A 88 9.47 -7.92 -33.94
C SER A 88 8.17 -7.66 -34.67
N MET A 89 8.30 -7.36 -35.96
CA MET A 89 7.15 -7.19 -36.84
C MET A 89 7.40 -7.87 -38.18
N LEU A 90 6.33 -8.41 -38.74
CA LEU A 90 6.32 -8.98 -40.07
C LEU A 90 5.31 -8.17 -40.88
N TYR A 91 5.74 -7.65 -42.02
CA TYR A 91 4.87 -6.81 -42.84
C TYR A 91 5.11 -7.01 -44.34
N LEU A 92 4.20 -6.50 -45.15
CA LEU A 92 4.25 -6.62 -46.60
C LEU A 92 4.71 -5.31 -47.23
N ASP A 93 5.77 -5.37 -48.03
CA ASP A 93 6.31 -4.19 -48.71
C ASP A 93 5.51 -3.79 -49.95
N GLU A 94 6.03 -2.78 -50.66
CA GLU A 94 5.38 -2.23 -51.86
C GLU A 94 5.11 -3.25 -52.97
N ASN A 95 5.82 -4.37 -52.94
CA ASN A 95 5.65 -5.44 -53.92
C ASN A 95 4.97 -6.69 -53.36
N GLU A 96 4.26 -6.52 -52.24
CA GLU A 96 3.60 -7.62 -51.50
C GLU A 96 4.53 -8.75 -51.02
N LYS A 97 5.80 -8.43 -50.83
CA LYS A 97 6.75 -9.37 -50.25
C LYS A 97 6.85 -9.15 -48.74
N VAL A 98 6.93 -10.25 -47.99
CA VAL A 98 7.05 -10.16 -46.54
C VAL A 98 8.45 -9.78 -46.06
N VAL A 99 8.48 -8.89 -45.08
CA VAL A 99 9.70 -8.29 -44.55
C VAL A 99 9.67 -8.52 -43.04
N LEU A 100 10.79 -8.99 -42.49
CA LEU A 100 10.96 -9.12 -41.06
C LEU A 100 11.80 -7.97 -40.53
N LYS A 101 11.32 -7.31 -39.49
CA LYS A 101 12.07 -6.23 -38.86
C LYS A 101 11.85 -6.16 -37.36
N ASN A 102 12.94 -5.99 -36.62
CA ASN A 102 12.85 -5.62 -35.22
C ASN A 102 12.82 -4.12 -35.12
N TYR A 103 11.69 -3.57 -34.68
CA TYR A 103 11.59 -2.12 -34.54
C TYR A 103 12.07 -1.69 -33.16
N GLN A 104 13.07 -0.82 -33.14
CA GLN A 104 13.59 -0.29 -31.89
C GLN A 104 12.66 0.81 -31.38
N ASP A 105 12.70 1.03 -30.06
CA ASP A 105 12.03 2.17 -29.41
C ASP A 105 10.52 2.21 -29.61
N MET A 106 9.88 1.06 -29.47
CA MET A 106 8.44 0.91 -29.71
C MET A 106 7.62 0.94 -28.44
N VAL A 107 8.22 0.51 -27.34
CA VAL A 107 7.49 0.25 -26.09
C VAL A 107 8.10 1.07 -24.97
N VAL A 108 7.28 1.87 -24.31
CA VAL A 108 7.71 2.60 -23.11
C VAL A 108 8.00 1.66 -21.95
N GLU A 109 9.27 1.63 -21.52
CA GLU A 109 9.64 0.87 -20.31
C GLU A 109 9.73 1.79 -19.08
N GLY A 110 10.06 3.06 -19.30
CA GLY A 110 10.11 4.05 -18.23
C GLY A 110 9.79 5.45 -18.75
N CYS A 111 9.18 6.26 -17.87
CA CYS A 111 8.89 7.66 -18.13
C CYS A 111 9.71 8.59 -17.22
N GLY A 112 9.96 9.80 -17.70
CA GLY A 112 10.73 10.77 -16.95
C GLY A 112 10.46 12.19 -17.38
N CYS A 113 11.11 13.14 -16.71
CA CYS A 113 10.91 14.55 -17.05
C CYS A 113 12.11 15.10 -17.80
N ARG A 114 11.83 15.74 -18.94
CA ARG A 114 12.89 16.31 -19.77
C ARG A 114 12.60 17.73 -20.27
N PRO B 36 22.99 3.59 -6.46
CA PRO B 36 21.88 3.60 -5.52
C PRO B 36 22.20 2.81 -4.25
N PHE B 37 22.54 3.55 -3.19
CA PHE B 37 22.99 2.98 -1.93
C PHE B 37 22.14 3.50 -0.77
N LEU B 38 21.27 4.46 -1.07
CA LEU B 38 20.52 5.17 -0.04
C LEU B 38 19.05 4.83 -0.08
N LYS B 39 18.48 4.54 1.09
CA LYS B 39 17.08 4.19 1.23
C LYS B 39 16.29 5.36 1.85
N CYS B 40 15.09 5.63 1.33
CA CYS B 40 14.32 6.78 1.82
C CYS B 40 12.85 6.46 2.02
N TYR B 41 12.20 7.22 2.89
CA TYR B 41 10.75 7.18 2.99
C TYR B 41 10.15 8.02 1.83
N CYS B 42 9.07 7.54 1.25
CA CYS B 42 8.41 8.33 0.23
C CYS B 42 6.93 8.44 0.46
N SER B 43 6.41 9.65 0.28
CA SER B 43 4.98 9.92 0.34
C SER B 43 4.66 11.03 -0.66
N GLY B 44 3.83 10.74 -1.65
CA GLY B 44 3.49 11.74 -2.66
C GLY B 44 4.46 11.78 -3.85
N HIS B 45 5.68 11.31 -3.63
CA HIS B 45 6.70 11.24 -4.68
C HIS B 45 7.25 9.83 -4.88
N CYS B 46 6.42 8.82 -4.58
CA CYS B 46 6.81 7.42 -4.74
C CYS B 46 6.95 7.01 -6.20
N PRO B 47 7.95 6.16 -6.51
CA PRO B 47 7.94 5.52 -7.82
C PRO B 47 6.70 4.64 -7.89
N ASP B 48 6.13 4.46 -9.08
CA ASP B 48 4.90 3.66 -9.19
C ASP B 48 5.08 2.22 -8.72
N ASP B 49 6.35 1.79 -8.64
CA ASP B 49 6.73 0.50 -8.06
C ASP B 49 7.44 0.66 -6.69
N ALA B 50 6.84 1.43 -5.79
CA ALA B 50 7.41 1.55 -4.45
C ALA B 50 6.97 0.38 -3.57
N ILE B 51 7.94 -0.22 -2.87
CA ILE B 51 7.66 -1.28 -1.89
C ILE B 51 7.58 -0.67 -0.49
N ASN B 52 6.37 -0.63 0.07
CA ASN B 52 6.13 -0.19 1.45
C ASN B 52 6.67 1.22 1.73
N ASN B 53 6.28 2.17 0.87
CA ASN B 53 6.66 3.59 0.98
C ASN B 53 8.15 3.84 1.15
N THR B 54 8.93 3.05 0.41
CA THR B 54 10.37 3.08 0.46
C THR B 54 10.88 3.23 -0.96
N CYS B 55 11.87 4.08 -1.15
CA CYS B 55 12.57 4.17 -2.44
C CYS B 55 14.07 4.16 -2.22
N ILE B 56 14.82 3.84 -3.28
CA ILE B 56 16.28 3.76 -3.23
C ILE B 56 16.90 4.69 -4.26
N THR B 57 18.05 5.28 -3.91
CA THR B 57 18.68 6.33 -4.71
C THR B 57 20.19 6.43 -4.46
N ASN B 58 20.88 7.15 -5.36
CA ASN B 58 22.29 7.48 -5.19
C ASN B 58 22.50 8.88 -4.65
N GLY B 59 21.40 9.60 -4.43
CA GLY B 59 21.49 11.01 -4.06
C GLY B 59 21.09 11.33 -2.64
N HIS B 60 19.87 11.84 -2.48
CA HIS B 60 19.39 12.36 -1.20
C HIS B 60 17.97 11.96 -0.95
N CYS B 61 17.62 11.88 0.33
CA CYS B 61 16.23 11.81 0.75
C CYS B 61 15.75 13.24 0.91
N PHE B 62 14.48 13.49 0.69
CA PHE B 62 14.00 14.84 0.95
C PHE B 62 12.64 14.82 1.59
N ALA B 63 12.31 15.92 2.25
CA ALA B 63 10.93 16.20 2.61
C ALA B 63 10.64 17.61 2.14
N ILE B 64 9.40 17.84 1.71
CA ILE B 64 9.02 19.18 1.29
C ILE B 64 7.67 19.57 1.88
N ILE B 65 7.63 20.73 2.53
CA ILE B 65 6.35 21.35 2.88
C ILE B 65 6.06 22.48 1.88
N GLU B 66 4.83 22.51 1.37
CA GLU B 66 4.42 23.56 0.43
C GLU B 66 3.02 24.08 0.71
N GLU B 67 2.88 25.40 0.63
CA GLU B 67 1.60 26.06 0.79
C GLU B 67 1.07 26.42 -0.59
N ASP B 68 -0.12 25.91 -0.93
CA ASP B 68 -0.73 26.31 -2.20
C ASP B 68 -1.33 27.73 -2.09
N ASP B 69 -2.13 28.11 -3.08
CA ASP B 69 -2.69 29.46 -3.19
C ASP B 69 -3.62 29.89 -2.04
N GLN B 70 -4.36 28.92 -1.49
CA GLN B 70 -5.37 29.22 -0.45
C GLN B 70 -4.87 29.08 0.99
N GLY B 71 -3.64 28.58 1.16
CA GLY B 71 -3.10 28.38 2.47
C GLY B 71 -3.14 26.91 2.87
N GLU B 72 -3.66 26.07 1.97
CA GLU B 72 -3.72 24.62 2.18
C GLU B 72 -2.33 23.99 2.02
N THR B 73 -1.67 23.72 3.15
CA THR B 73 -0.30 23.16 3.12
C THR B 73 -0.28 21.62 3.09
N THR B 74 0.69 21.08 2.35
CA THR B 74 0.89 19.63 2.25
C THR B 74 2.35 19.28 2.50
N LEU B 75 2.57 18.03 2.90
CA LEU B 75 3.90 17.49 3.17
C LEU B 75 4.11 16.30 2.25
N ALA B 76 5.28 16.23 1.61
CA ALA B 76 5.60 15.10 0.74
C ALA B 76 7.08 14.76 0.90
N SER B 77 7.46 13.57 0.47
CA SER B 77 8.84 13.14 0.60
C SER B 77 9.24 12.11 -0.43
N GLY B 78 10.55 11.94 -0.59
CA GLY B 78 11.05 10.85 -1.39
C GLY B 78 12.53 10.91 -1.61
N CYS B 79 12.92 10.40 -2.77
CA CYS B 79 14.30 10.24 -3.21
C CYS B 79 14.62 11.23 -4.33
N MET B 80 15.84 11.77 -4.30
CA MET B 80 16.33 12.69 -5.31
C MET B 80 17.67 12.16 -5.84
N LYS B 81 17.81 12.06 -7.17
CA LYS B 81 19.03 11.62 -7.85
C LYS B 81 20.14 12.59 -7.49
N TYR B 82 21.38 12.12 -7.42
CA TYR B 82 22.51 13.01 -7.13
C TYR B 82 22.66 14.15 -8.15
N GLU B 83 22.57 13.81 -9.43
CA GLU B 83 22.61 14.79 -10.53
C GLU B 83 21.52 15.84 -10.42
N GLY B 84 21.92 17.09 -10.22
CA GLY B 84 21.00 18.20 -10.10
C GLY B 84 20.53 18.47 -8.69
N SER B 85 21.04 17.71 -7.72
CA SER B 85 20.60 17.82 -6.33
C SER B 85 21.03 19.13 -5.69
N ASP B 86 22.20 19.63 -6.09
CA ASP B 86 22.66 20.98 -5.72
C ASP B 86 21.57 22.02 -5.90
N PHE B 87 20.94 22.01 -7.09
CA PHE B 87 19.86 22.94 -7.42
C PHE B 87 18.59 22.69 -6.61
N GLN B 88 18.15 21.44 -6.55
CA GLN B 88 16.89 21.12 -5.91
C GLN B 88 16.92 21.28 -4.39
N CYS B 89 18.00 20.86 -3.75
CA CYS B 89 18.13 21.04 -2.30
C CYS B 89 18.21 22.52 -1.94
N LYS B 90 18.87 23.31 -2.80
CA LYS B 90 18.92 24.76 -2.63
C LYS B 90 17.54 25.38 -2.80
N ASP B 91 16.87 25.08 -3.92
CA ASP B 91 15.60 25.70 -4.29
C ASP B 91 15.84 27.19 -4.61
N SER B 92 14.81 27.88 -5.10
CA SER B 92 14.88 29.31 -5.33
C SER B 92 14.00 30.02 -4.30
N PRO B 93 14.58 30.99 -3.58
CA PRO B 93 13.80 31.79 -2.63
C PRO B 93 12.84 32.77 -3.34
N LYS B 94 12.90 32.84 -4.67
CA LYS B 94 12.02 33.71 -5.42
C LYS B 94 10.84 32.94 -6.05
N ALA B 95 10.72 31.66 -5.68
CA ALA B 95 9.56 30.86 -6.05
C ALA B 95 8.29 31.60 -5.65
N GLN B 96 7.25 31.46 -6.47
CA GLN B 96 5.98 32.14 -6.22
C GLN B 96 5.17 31.51 -5.10
N LEU B 97 5.15 30.17 -5.03
CA LEU B 97 4.51 29.49 -3.91
C LEU B 97 5.52 29.26 -2.81
N ARG B 98 5.11 29.45 -1.55
CA ARG B 98 6.07 29.22 -0.48
C ARG B 98 6.17 27.76 -0.08
N ARG B 99 7.39 27.34 0.17
CA ARG B 99 7.70 25.94 0.38
C ARG B 99 9.07 25.86 0.99
N THR B 100 9.34 24.75 1.66
CA THR B 100 10.68 24.47 2.16
C THR B 100 11.00 23.02 1.90
N ILE B 101 12.13 22.80 1.23
CA ILE B 101 12.62 21.47 0.97
C ILE B 101 13.88 21.25 1.78
N GLU B 102 13.97 20.08 2.38
CA GLU B 102 15.16 19.69 3.13
C GLU B 102 15.59 18.30 2.67
N CYS B 103 16.90 18.17 2.51
CA CYS B 103 17.52 16.96 2.02
C CYS B 103 18.45 16.39 3.09
N CYS B 104 18.65 15.08 3.06
CA CYS B 104 19.64 14.46 3.93
C CYS B 104 20.16 13.19 3.26
N ARG B 105 21.28 12.66 3.74
CA ARG B 105 21.93 11.53 3.07
C ARG B 105 22.22 10.33 3.98
N THR B 106 21.31 10.01 4.91
CA THR B 106 21.41 8.74 5.64
C THR B 106 20.09 7.98 5.51
N ASN B 107 20.14 6.66 5.58
CA ASN B 107 18.96 5.84 5.37
C ASN B 107 17.79 6.30 6.23
N LEU B 108 16.67 6.57 5.55
CA LEU B 108 15.41 6.88 6.21
C LEU B 108 15.41 8.17 7.06
N CYS B 109 16.46 9.00 6.94
CA CYS B 109 16.56 10.29 7.63
C CYS B 109 15.33 11.16 7.34
N ASN B 110 14.57 10.64 6.38
CA ASN B 110 13.40 11.20 5.75
C ASN B 110 12.07 11.11 6.50
N GLN B 111 11.92 10.06 7.29
CA GLN B 111 10.60 9.64 7.81
C GLN B 111 9.89 10.66 8.68
N TYR B 112 10.63 11.36 9.52
CA TYR B 112 10.01 12.30 10.44
C TYR B 112 10.53 13.72 10.22
N LEU B 113 11.02 13.96 9.00
CA LEU B 113 11.37 15.30 8.56
C LEU B 113 10.11 16.09 8.23
N GLN B 114 9.91 17.17 8.96
CA GLN B 114 8.79 18.06 8.71
C GLN B 114 9.32 19.47 8.72
N PRO B 115 9.76 19.97 7.54
CA PRO B 115 10.37 21.30 7.45
C PRO B 115 9.33 22.37 7.72
N THR B 116 9.77 23.57 8.02
CA THR B 116 8.82 24.67 8.25
C THR B 116 8.83 25.67 7.10
N LEU B 117 7.63 26.04 6.64
CA LEU B 117 7.39 27.06 5.62
C LEU B 117 8.24 28.33 5.83
N PRO B 118 8.61 29.02 4.73
CA PRO B 118 9.37 30.28 4.86
C PRO B 118 8.55 31.34 5.62
N PRO B 119 9.22 32.19 6.42
CA PRO B 119 8.54 33.20 7.25
C PRO B 119 7.45 33.98 6.50
N VAL B 120 6.20 33.80 6.96
CA VAL B 120 5.03 34.48 6.38
C VAL B 120 5.16 36.01 6.47
N THR C 8 14.35 -20.62 -25.14
CA THR C 8 14.56 -20.56 -26.61
C THR C 8 15.96 -20.04 -26.92
N GLN C 9 16.91 -20.96 -27.05
CA GLN C 9 18.30 -20.59 -27.36
C GLN C 9 18.55 -20.58 -28.87
N GLU C 10 17.81 -21.40 -29.61
CA GLU C 10 17.89 -21.39 -31.08
C GLU C 10 16.58 -21.76 -31.77
N CYS C 11 16.52 -21.42 -33.06
CA CYS C 11 15.33 -21.59 -33.88
C CYS C 11 15.78 -22.05 -35.26
N LEU C 12 14.86 -22.65 -35.99
CA LEU C 12 15.10 -22.89 -37.40
C LEU C 12 15.02 -21.57 -38.13
N PHE C 13 15.96 -21.38 -39.05
CA PHE C 13 16.02 -20.19 -39.86
C PHE C 13 15.73 -20.54 -41.32
N PHE C 14 14.90 -19.72 -41.96
CA PHE C 14 14.71 -19.79 -43.40
C PHE C 14 14.47 -18.39 -43.94
N ASN C 15 15.12 -18.08 -45.06
CA ASN C 15 14.84 -16.85 -45.79
C ASN C 15 14.70 -17.13 -47.29
N ALA C 16 13.45 -17.19 -47.77
CA ALA C 16 13.17 -17.34 -49.20
C ALA C 16 13.87 -16.28 -50.04
N ASN C 17 14.09 -15.12 -49.44
CA ASN C 17 14.73 -13.98 -50.11
C ASN C 17 16.25 -13.91 -50.09
N TRP C 18 16.90 -14.99 -49.66
CA TRP C 18 18.34 -15.01 -49.47
C TRP C 18 19.16 -14.51 -50.68
N GLU C 19 18.71 -14.85 -51.88
CA GLU C 19 19.45 -14.52 -53.09
C GLU C 19 19.41 -13.02 -53.36
N ARG C 20 18.31 -12.38 -53.00
CA ARG C 20 18.19 -10.94 -53.11
C ARG C 20 18.86 -10.25 -51.92
N ASP C 21 18.59 -10.75 -50.71
CA ASP C 21 19.12 -10.17 -49.47
C ASP C 21 20.63 -10.38 -49.28
N ARG C 22 21.18 -11.38 -49.98
CA ARG C 22 22.58 -11.79 -49.81
C ARG C 22 22.83 -12.38 -48.41
N THR C 23 21.87 -13.19 -47.95
CA THR C 23 21.98 -13.88 -46.67
C THR C 23 22.03 -15.39 -46.91
N ASN C 24 21.96 -16.17 -45.84
CA ASN C 24 21.72 -17.59 -45.98
C ASN C 24 20.25 -17.88 -46.19
N GLN C 25 19.99 -19.05 -46.77
CA GLN C 25 18.66 -19.52 -47.06
C GLN C 25 18.07 -20.24 -45.87
N THR C 26 18.86 -21.13 -45.28
CA THR C 26 18.33 -22.10 -44.33
C THR C 26 19.40 -22.54 -43.33
N GLY C 27 18.97 -22.86 -42.12
CA GLY C 27 19.90 -23.30 -41.08
C GLY C 27 19.36 -23.09 -39.69
N VAL C 28 20.29 -22.85 -38.76
CA VAL C 28 19.99 -22.64 -37.35
C VAL C 28 20.32 -21.19 -36.98
N GLU C 29 19.46 -20.57 -36.17
CA GLU C 29 19.67 -19.20 -35.72
C GLU C 29 19.61 -19.12 -34.20
N PRO C 30 20.71 -18.65 -33.57
CA PRO C 30 20.72 -18.45 -32.11
C PRO C 30 19.89 -17.21 -31.75
N CYS C 31 19.10 -17.31 -30.71
CA CYS C 31 18.22 -16.21 -30.28
C CYS C 31 18.78 -15.49 -29.06
N TYR C 32 18.89 -14.17 -29.17
CA TYR C 32 19.35 -13.33 -28.05
C TYR C 32 18.26 -12.36 -27.59
N GLY C 33 18.29 -12.09 -26.33
CA GLY C 33 17.26 -11.32 -25.79
C GLY C 33 17.88 -10.50 -24.70
N ASP C 34 17.01 -9.62 -24.30
CA ASP C 34 17.43 -8.66 -23.35
C ASP C 34 17.56 -9.15 -21.96
N LYS C 35 17.41 -8.22 -21.07
CA LYS C 35 17.55 -8.49 -19.66
C LYS C 35 16.35 -9.23 -19.19
N ASP C 36 16.53 -10.49 -19.29
CA ASP C 36 15.47 -11.40 -18.98
C ASP C 36 14.11 -10.97 -19.52
N LYS C 37 14.01 -11.25 -20.77
CA LYS C 37 12.78 -11.11 -21.51
C LYS C 37 12.72 -12.49 -22.18
N ARG C 38 11.57 -12.90 -22.61
CA ARG C 38 11.43 -14.21 -23.23
C ARG C 38 11.96 -14.19 -24.65
N ARG C 39 12.24 -15.36 -25.20
CA ARG C 39 12.64 -15.47 -26.61
C ARG C 39 11.71 -16.42 -27.35
N HIS C 40 11.47 -16.14 -28.62
CA HIS C 40 10.50 -16.91 -29.41
C HIS C 40 11.03 -17.29 -30.79
N CYS C 41 10.37 -18.25 -31.42
CA CYS C 41 10.62 -18.60 -32.81
C CYS C 41 9.33 -18.33 -33.59
N PHE C 42 9.44 -18.15 -34.89
CA PHE C 42 8.26 -17.94 -35.71
C PHE C 42 8.40 -18.68 -37.03
N ALA C 43 7.26 -19.01 -37.63
CA ALA C 43 7.22 -19.52 -38.99
C ALA C 43 6.22 -18.70 -39.79
N THR C 44 6.56 -18.37 -41.02
CA THR C 44 5.62 -17.70 -41.92
C THR C 44 5.64 -18.36 -43.30
N TRP C 45 4.44 -18.60 -43.85
CA TRP C 45 4.32 -19.33 -45.11
C TRP C 45 3.04 -19.02 -45.89
N LYS C 46 3.01 -19.52 -47.12
CA LYS C 46 1.82 -19.46 -47.96
C LYS C 46 1.32 -20.87 -48.25
N ASN C 47 0.00 -21.04 -48.22
CA ASN C 47 -0.61 -22.29 -48.61
C ASN C 47 -1.49 -22.16 -49.85
N ILE C 48 -0.97 -22.63 -50.98
CA ILE C 48 -1.67 -22.54 -52.25
C ILE C 48 -2.42 -23.86 -52.50
N SER C 49 -3.67 -23.90 -52.02
CA SER C 49 -4.57 -25.05 -52.18
C SER C 49 -4.11 -26.35 -51.49
N GLY C 50 -3.00 -26.29 -50.75
CA GLY C 50 -2.46 -27.46 -50.07
C GLY C 50 -0.94 -27.58 -50.19
N SER C 51 -0.37 -26.87 -51.17
CA SER C 51 1.08 -26.86 -51.38
C SER C 51 1.77 -25.74 -50.58
N ILE C 52 2.32 -26.14 -49.43
CA ILE C 52 3.03 -25.22 -48.52
C ILE C 52 4.26 -24.57 -49.17
N GLU C 53 4.38 -23.26 -49.00
CA GLU C 53 5.54 -22.50 -49.45
C GLU C 53 6.03 -21.61 -48.31
N ILE C 54 7.08 -22.07 -47.64
CA ILE C 54 7.67 -21.35 -46.50
C ILE C 54 8.30 -20.03 -46.96
N VAL C 55 8.04 -18.96 -46.22
CA VAL C 55 8.55 -17.63 -46.55
C VAL C 55 9.72 -17.26 -45.63
N LYS C 56 9.52 -17.38 -44.32
CA LYS C 56 10.55 -17.08 -43.34
C LYS C 56 10.35 -17.90 -42.09
N GLN C 57 11.46 -18.25 -41.45
CA GLN C 57 11.50 -18.81 -40.11
C GLN C 57 12.66 -18.12 -39.40
N GLY C 58 12.55 -17.97 -38.08
CA GLY C 58 13.64 -17.32 -37.34
C GLY C 58 13.29 -17.05 -35.88
N CYS C 59 14.10 -16.19 -35.25
CA CYS C 59 13.84 -15.74 -33.88
C CYS C 59 12.87 -14.58 -33.90
N TRP C 60 12.10 -14.45 -32.82
CA TRP C 60 11.07 -13.44 -32.68
C TRP C 60 11.24 -12.87 -31.27
N LEU C 61 11.21 -11.55 -31.14
CA LEU C 61 11.39 -10.90 -29.85
C LEU C 61 10.20 -11.15 -28.91
N ASP C 62 10.47 -11.14 -27.61
CA ASP C 62 9.45 -11.17 -26.56
C ASP C 62 8.11 -10.57 -27.03
N ASP C 63 7.09 -11.42 -27.09
CA ASP C 63 5.79 -11.10 -27.67
C ASP C 63 4.73 -11.89 -26.91
N ILE C 64 3.82 -11.15 -26.27
CA ILE C 64 2.74 -11.72 -25.46
C ILE C 64 1.92 -12.80 -26.20
N ASN C 65 1.79 -12.68 -27.52
CA ASN C 65 1.08 -13.67 -28.35
C ASN C 65 1.77 -15.02 -28.53
N CYS C 66 3.03 -15.12 -28.07
CA CYS C 66 3.78 -16.36 -28.22
C CYS C 66 4.00 -17.04 -26.85
N TYR C 67 3.65 -16.32 -25.79
CA TYR C 67 3.84 -16.78 -24.41
C TYR C 67 3.22 -18.17 -24.17
N ASP C 68 4.00 -19.03 -23.53
CA ASP C 68 3.57 -20.37 -23.11
C ASP C 68 2.93 -21.21 -24.23
N ARG C 69 3.47 -21.07 -25.44
CA ARG C 69 3.07 -21.92 -26.57
C ARG C 69 4.24 -22.80 -26.95
N THR C 70 3.99 -24.11 -27.02
CA THR C 70 5.04 -25.08 -27.34
C THR C 70 4.95 -25.50 -28.80
N ASP C 71 3.76 -25.36 -29.38
CA ASP C 71 3.52 -25.68 -30.78
C ASP C 71 3.28 -24.42 -31.62
N CYS C 72 3.66 -24.49 -32.90
CA CYS C 72 3.50 -23.38 -33.82
C CYS C 72 2.25 -23.57 -34.68
N ILE C 73 1.14 -22.98 -34.26
CA ILE C 73 -0.13 -23.17 -34.97
C ILE C 73 -0.77 -21.86 -35.42
N GLU C 74 -1.12 -21.80 -36.71
CA GLU C 74 -1.90 -20.69 -37.24
C GLU C 74 -3.39 -20.92 -36.97
N LYS C 75 -3.97 -20.06 -36.14
CA LYS C 75 -5.37 -20.19 -35.71
C LYS C 75 -6.34 -19.25 -36.44
N LYS C 76 -5.80 -18.26 -37.15
CA LYS C 76 -6.62 -17.31 -37.89
C LYS C 76 -7.17 -17.96 -39.16
N ASP C 77 -8.40 -17.59 -39.53
CA ASP C 77 -9.12 -18.23 -40.62
C ASP C 77 -8.59 -17.85 -42.01
N SER C 78 -8.16 -18.87 -42.75
CA SER C 78 -7.59 -18.75 -44.11
C SER C 78 -6.96 -17.38 -44.42
N PRO C 79 -5.78 -17.10 -43.85
CA PRO C 79 -5.10 -15.84 -44.18
C PRO C 79 -4.34 -15.99 -45.50
N GLU C 80 -4.02 -14.87 -46.14
CA GLU C 80 -3.21 -14.88 -47.37
C GLU C 80 -1.77 -15.27 -47.05
N VAL C 81 -1.32 -14.91 -45.85
CA VAL C 81 -0.01 -15.29 -45.32
C VAL C 81 -0.22 -15.88 -43.93
N TYR C 82 0.23 -17.12 -43.76
CA TYR C 82 0.09 -17.83 -42.49
C TYR C 82 1.27 -17.53 -41.56
N PHE C 83 1.00 -17.53 -40.25
CA PHE C 83 2.00 -17.14 -39.27
C PHE C 83 1.72 -17.84 -37.95
N CYS C 84 2.79 -18.24 -37.28
CA CYS C 84 2.72 -18.72 -35.91
C CYS C 84 4.04 -18.38 -35.21
N CYS C 85 3.98 -18.27 -33.90
CA CYS C 85 5.17 -18.14 -33.08
C CYS C 85 5.00 -18.97 -31.82
N CYS C 86 6.11 -19.30 -31.17
CA CYS C 86 6.08 -20.23 -30.03
C CYS C 86 7.27 -19.99 -29.11
N GLU C 87 7.41 -20.86 -28.10
CA GLU C 87 8.49 -20.75 -27.12
C GLU C 87 9.19 -22.10 -26.96
N GLY C 88 10.50 -22.07 -26.76
CA GLY C 88 11.30 -23.29 -26.60
C GLY C 88 12.11 -23.65 -27.85
N ASN C 89 13.29 -24.24 -27.64
CA ASN C 89 14.25 -24.53 -28.71
C ASN C 89 13.70 -25.19 -29.97
N MET C 90 14.02 -24.58 -31.11
CA MET C 90 13.65 -25.08 -32.45
C MET C 90 12.13 -25.32 -32.62
N CYS C 91 11.33 -24.67 -31.76
CA CYS C 91 9.88 -24.87 -31.75
C CYS C 91 9.18 -24.61 -33.09
N ASN C 92 9.83 -23.84 -33.97
CA ASN C 92 9.29 -23.52 -35.29
C ASN C 92 9.66 -24.53 -36.40
N GLU C 93 10.29 -25.64 -35.99
CA GLU C 93 10.70 -26.72 -36.90
C GLU C 93 9.51 -27.31 -37.66
N LYS C 94 8.43 -27.55 -36.94
CA LYS C 94 7.18 -28.04 -37.52
C LYS C 94 6.04 -27.09 -37.15
N PHE C 95 5.19 -26.79 -38.14
CA PHE C 95 4.10 -25.83 -37.97
C PHE C 95 2.78 -26.33 -38.54
N SER C 96 1.68 -25.97 -37.87
CA SER C 96 0.35 -26.47 -38.25
C SER C 96 -0.70 -25.35 -38.32
N TYR C 97 -1.92 -25.75 -38.69
CA TYR C 97 -3.01 -24.83 -39.00
C TYR C 97 -4.34 -25.40 -38.50
N PHE C 98 -4.90 -24.75 -37.47
CA PHE C 98 -6.20 -25.14 -36.92
C PHE C 98 -7.07 -23.89 -36.69
N PRO C 99 -7.84 -23.49 -37.73
CA PRO C 99 -8.65 -22.26 -37.80
C PRO C 99 -9.47 -21.91 -36.55
N LYS D 11 4.11 -13.24 14.55
CA LYS D 11 4.08 -14.64 14.00
C LYS D 11 3.16 -15.53 14.85
N SER D 12 1.85 -15.26 14.75
CA SER D 12 0.86 -15.83 15.68
C SER D 12 1.10 -15.19 17.06
N SER D 13 1.87 -14.10 17.06
CA SER D 13 2.13 -13.29 18.24
C SER D 13 0.92 -12.47 18.67
N CYS D 14 0.95 -12.02 19.93
CA CYS D 14 -0.11 -11.23 20.55
C CYS D 14 -0.51 -10.07 19.64
N LYS D 15 -1.80 -10.00 19.32
CA LYS D 15 -2.32 -8.92 18.48
C LYS D 15 -3.84 -8.80 18.57
N ARG D 16 -4.36 -7.70 18.05
CA ARG D 16 -5.79 -7.47 17.96
C ARG D 16 -6.41 -8.25 16.79
N HIS D 17 -7.55 -8.88 17.06
CA HIS D 17 -8.28 -9.67 16.07
C HIS D 17 -9.67 -9.12 15.93
N PRO D 18 -10.31 -9.34 14.75
CA PRO D 18 -11.65 -8.83 14.50
C PRO D 18 -12.70 -9.52 15.35
N LEU D 19 -13.65 -8.74 15.86
CA LEU D 19 -14.86 -9.30 16.44
C LEU D 19 -15.95 -8.25 16.34
N TYR D 20 -16.96 -8.56 15.54
CA TYR D 20 -18.16 -7.74 15.49
C TYR D 20 -19.20 -8.36 16.41
N VAL D 21 -19.65 -7.61 17.39
CA VAL D 21 -20.67 -8.11 18.31
C VAL D 21 -22.04 -7.70 17.76
N ASP D 22 -22.74 -8.67 17.21
CA ASP D 22 -24.05 -8.48 16.62
C ASP D 22 -25.07 -8.78 17.72
N PHE D 23 -25.87 -7.79 18.12
CA PHE D 23 -26.79 -8.00 19.24
C PHE D 23 -27.89 -9.05 19.01
N SER D 24 -28.21 -9.32 17.73
CA SER D 24 -29.09 -10.43 17.35
C SER D 24 -28.50 -11.80 17.68
N ASP D 25 -27.21 -11.96 17.43
CA ASP D 25 -26.51 -13.22 17.72
C ASP D 25 -26.37 -13.49 19.22
N VAL D 26 -26.55 -12.46 20.04
CA VAL D 26 -26.47 -12.61 21.49
C VAL D 26 -27.89 -12.72 22.07
N GLY D 27 -28.89 -12.35 21.27
CA GLY D 27 -30.29 -12.35 21.70
C GLY D 27 -30.68 -11.09 22.44
N TRP D 28 -30.07 -9.97 22.08
CA TRP D 28 -30.31 -8.69 22.76
C TRP D 28 -31.05 -7.67 21.90
N ASN D 29 -31.60 -8.13 20.78
CA ASN D 29 -32.37 -7.28 19.87
C ASN D 29 -33.53 -6.53 20.50
N ASP D 30 -34.27 -7.20 21.38
CA ASP D 30 -35.43 -6.59 22.04
C ASP D 30 -35.04 -5.65 23.16
N TRP D 31 -33.81 -5.78 23.65
CA TRP D 31 -33.33 -5.05 24.81
C TRP D 31 -32.58 -3.77 24.40
N ILE D 32 -31.68 -3.90 23.44
CA ILE D 32 -30.85 -2.78 22.98
C ILE D 32 -31.49 -2.11 21.77
N VAL D 33 -31.86 -0.84 21.91
CA VAL D 33 -32.42 -0.10 20.77
C VAL D 33 -31.34 0.37 19.79
N ALA D 34 -30.18 0.74 20.31
CA ALA D 34 -29.04 1.14 19.49
C ALA D 34 -27.74 0.98 20.27
N PRO D 35 -26.64 0.59 19.58
CA PRO D 35 -26.53 0.30 18.15
C PRO D 35 -27.02 -1.13 17.85
N PRO D 36 -27.08 -1.53 16.56
CA PRO D 36 -27.43 -2.93 16.30
C PRO D 36 -26.32 -3.93 16.66
N GLY D 37 -25.10 -3.42 16.80
CA GLY D 37 -23.95 -4.23 17.15
C GLY D 37 -22.76 -3.32 17.05
N TYR D 38 -21.56 -3.83 17.31
CA TYR D 38 -20.38 -2.98 17.33
C TYR D 38 -19.11 -3.80 17.20
N HIS D 39 -18.07 -3.18 16.67
CA HIS D 39 -16.76 -3.82 16.57
C HIS D 39 -16.02 -3.75 17.93
N ALA D 40 -16.09 -4.85 18.68
CA ALA D 40 -15.41 -5.00 19.97
C ALA D 40 -13.93 -5.34 19.82
N PHE D 41 -13.61 -6.18 18.84
CA PHE D 41 -12.28 -6.80 18.70
C PHE D 41 -11.96 -7.72 19.89
N TYR D 42 -10.86 -8.46 19.79
CA TYR D 42 -10.31 -9.19 20.93
C TYR D 42 -8.83 -9.39 20.70
N CYS D 43 -8.11 -9.80 21.75
CA CYS D 43 -6.65 -9.92 21.73
C CYS D 43 -6.29 -11.37 21.81
N HIS D 44 -5.34 -11.82 20.99
CA HIS D 44 -4.95 -13.23 21.03
C HIS D 44 -3.58 -13.45 20.42
N GLY D 45 -2.85 -14.40 20.97
CA GLY D 45 -1.55 -14.79 20.43
C GLY D 45 -0.50 -14.93 21.51
N GLU D 46 0.60 -15.59 21.16
CA GLU D 46 1.67 -15.89 22.09
C GLU D 46 2.46 -14.64 22.45
N CYS D 47 2.93 -14.60 23.69
CA CYS D 47 3.82 -13.55 24.17
C CYS D 47 5.23 -14.14 24.22
N PRO D 48 6.05 -13.82 23.20
CA PRO D 48 7.34 -14.48 23.04
C PRO D 48 8.43 -13.72 23.77
N PHE D 49 9.62 -14.29 23.86
CA PHE D 49 10.78 -13.52 24.27
C PHE D 49 11.49 -12.94 23.03
N PRO D 50 11.88 -11.66 23.07
CA PRO D 50 11.63 -10.65 24.10
C PRO D 50 10.26 -9.99 23.91
N LEU D 51 9.78 -9.28 24.92
CA LEU D 51 8.51 -8.58 24.78
C LEU D 51 8.80 -7.19 24.21
N ALA D 52 8.32 -6.95 22.99
CA ALA D 52 8.66 -5.72 22.26
C ALA D 52 7.86 -4.54 22.80
N ASP D 53 8.41 -3.35 22.56
CA ASP D 53 7.90 -2.07 23.06
C ASP D 53 6.38 -1.91 22.96
N HIS D 54 5.79 -2.24 21.79
CA HIS D 54 4.35 -2.08 21.57
C HIS D 54 3.49 -3.06 22.37
N LEU D 55 4.11 -4.03 23.03
CA LEU D 55 3.33 -4.91 23.92
C LEU D 55 3.09 -4.29 25.30
N ASN D 56 3.76 -3.19 25.61
CA ASN D 56 3.54 -2.44 26.86
C ASN D 56 3.49 -3.30 28.12
N SER D 57 4.49 -4.17 28.22
CA SER D 57 4.56 -5.17 29.27
C SER D 57 4.96 -4.59 30.61
N THR D 58 4.54 -5.25 31.67
CA THR D 58 5.04 -4.92 32.99
C THR D 58 6.36 -5.64 33.20
N ASN D 59 7.14 -5.19 34.18
CA ASN D 59 8.29 -5.95 34.64
C ASN D 59 7.94 -7.39 34.97
N HIS D 60 6.74 -7.61 35.54
CA HIS D 60 6.34 -8.95 35.95
C HIS D 60 6.15 -9.87 34.75
N ALA D 61 5.45 -9.39 33.72
CA ALA D 61 5.27 -10.16 32.49
C ALA D 61 6.62 -10.51 31.86
N ILE D 62 7.57 -9.58 31.94
CA ILE D 62 8.91 -9.81 31.45
C ILE D 62 9.62 -10.94 32.23
N VAL D 63 9.56 -10.88 33.56
CA VAL D 63 10.16 -11.94 34.39
C VAL D 63 9.48 -13.30 34.14
N GLN D 64 8.15 -13.31 34.10
CA GLN D 64 7.41 -14.53 33.88
C GLN D 64 7.77 -15.18 32.53
N THR D 65 7.87 -14.36 31.48
CA THR D 65 8.36 -14.79 30.15
C THR D 65 9.75 -15.45 30.25
N LEU D 66 10.67 -14.82 30.99
CA LEU D 66 11.99 -15.39 31.21
C LEU D 66 11.98 -16.70 32.01
N VAL D 67 11.22 -16.74 33.10
CA VAL D 67 11.02 -17.97 33.88
C VAL D 67 10.42 -19.07 33.02
N ASN D 68 9.35 -18.77 32.29
CA ASN D 68 8.79 -19.76 31.36
C ASN D 68 9.82 -20.35 30.39
N SER D 69 10.77 -19.53 29.92
CA SER D 69 11.76 -20.06 28.96
C SER D 69 12.76 -21.02 29.63
N VAL D 70 12.90 -20.91 30.95
CA VAL D 70 13.73 -21.79 31.75
C VAL D 70 12.93 -23.03 32.19
N ASN D 71 11.69 -22.80 32.60
CA ASN D 71 10.79 -23.81 33.14
C ASN D 71 9.38 -23.67 32.56
N SER D 72 9.09 -24.53 31.58
CA SER D 72 7.82 -24.59 30.87
C SER D 72 6.55 -24.80 31.71
N LYS D 73 6.71 -25.23 32.95
CA LYS D 73 5.55 -25.41 33.85
C LYS D 73 4.96 -24.06 34.28
N ILE D 74 5.80 -23.03 34.30
CA ILE D 74 5.33 -21.66 34.53
C ILE D 74 4.77 -21.16 33.19
N PRO D 75 3.47 -20.80 33.15
CA PRO D 75 2.90 -20.41 31.87
C PRO D 75 3.46 -19.06 31.39
N LYS D 76 3.27 -18.81 30.09
CA LYS D 76 3.65 -17.56 29.47
C LYS D 76 2.72 -16.44 29.93
N ALA D 77 3.16 -15.20 29.74
CA ALA D 77 2.32 -14.03 29.97
C ALA D 77 1.15 -14.07 28.98
N CYS D 78 0.18 -13.21 29.23
CA CYS D 78 -1.04 -13.27 28.49
C CYS D 78 -1.34 -12.04 27.66
N CYS D 79 -1.92 -12.28 26.48
CA CYS D 79 -2.28 -11.23 25.52
C CYS D 79 -3.65 -10.67 25.89
N VAL D 80 -3.69 -9.42 26.34
CA VAL D 80 -4.95 -8.78 26.76
C VAL D 80 -5.01 -7.36 26.24
N PRO D 81 -6.20 -6.73 26.25
CA PRO D 81 -6.32 -5.31 25.92
C PRO D 81 -5.60 -4.43 26.92
N THR D 82 -4.83 -3.47 26.41
CA THR D 82 -4.12 -2.52 27.26
C THR D 82 -4.62 -1.10 27.03
N GLU D 83 -5.45 -0.91 26.00
CA GLU D 83 -6.10 0.37 25.72
C GLU D 83 -7.47 0.05 25.12
N LEU D 84 -8.50 0.69 25.65
CA LEU D 84 -9.87 0.46 25.23
C LEU D 84 -10.60 1.77 25.09
N SER D 85 -11.66 1.80 24.29
CA SER D 85 -12.46 3.00 24.12
C SER D 85 -13.94 2.73 24.42
N ALA D 86 -14.72 3.80 24.46
CA ALA D 86 -16.11 3.77 24.89
C ALA D 86 -17.08 3.73 23.70
N ILE D 87 -18.30 3.25 23.92
CA ILE D 87 -19.41 3.41 22.97
C ILE D 87 -20.69 3.86 23.66
N SER D 88 -21.56 4.50 22.90
CA SER D 88 -22.89 4.86 23.37
C SER D 88 -23.85 3.70 23.11
N MET D 89 -24.76 3.48 24.06
CA MET D 89 -25.82 2.50 23.91
C MET D 89 -27.13 3.06 24.43
N LEU D 90 -28.22 2.64 23.79
CA LEU D 90 -29.58 2.98 24.19
C LEU D 90 -30.32 1.66 24.44
N TYR D 91 -30.87 1.47 25.63
CA TYR D 91 -31.53 0.20 25.97
C TYR D 91 -32.78 0.38 26.81
N LEU D 92 -33.54 -0.71 26.98
CA LEU D 92 -34.80 -0.69 27.71
C LEU D 92 -34.63 -1.37 29.05
N ASP D 93 -35.03 -0.69 30.12
CA ASP D 93 -34.89 -1.24 31.47
C ASP D 93 -36.06 -2.13 31.86
N GLU D 94 -36.06 -2.57 33.10
CA GLU D 94 -37.12 -3.40 33.69
C GLU D 94 -38.52 -2.87 33.37
N ASN D 95 -38.71 -1.56 33.51
CA ASN D 95 -40.01 -0.91 33.34
C ASN D 95 -40.34 -0.53 31.89
N GLU D 96 -39.52 -1.01 30.96
CA GLU D 96 -39.63 -0.69 29.52
C GLU D 96 -39.28 0.79 29.21
N LYS D 97 -38.46 1.40 30.06
CA LYS D 97 -37.98 2.76 29.85
C LYS D 97 -36.64 2.81 29.14
N VAL D 98 -36.48 3.80 28.28
CA VAL D 98 -35.24 3.99 27.52
C VAL D 98 -34.12 4.61 28.39
N VAL D 99 -33.01 3.89 28.51
CA VAL D 99 -31.82 4.39 29.22
C VAL D 99 -30.67 4.66 28.24
N LEU D 100 -30.03 5.81 28.38
CA LEU D 100 -28.82 6.13 27.64
C LEU D 100 -27.57 5.90 28.51
N LYS D 101 -26.58 5.21 27.96
CA LYS D 101 -25.29 5.04 28.63
C LYS D 101 -24.11 5.10 27.68
N ASN D 102 -23.06 5.77 28.12
CA ASN D 102 -21.77 5.63 27.50
C ASN D 102 -21.00 4.56 28.29
N TYR D 103 -20.79 3.40 27.66
CA TYR D 103 -20.06 2.33 28.32
C TYR D 103 -18.58 2.46 28.05
N GLN D 104 -17.81 2.56 29.14
CA GLN D 104 -16.36 2.66 29.04
C GLN D 104 -15.78 1.30 28.70
N ASP D 105 -14.60 1.30 28.08
CA ASP D 105 -13.79 0.09 27.90
C ASP D 105 -14.50 -1.02 27.13
N MET D 106 -15.15 -0.65 26.02
CA MET D 106 -15.94 -1.59 25.22
C MET D 106 -15.21 -2.10 24.00
N VAL D 107 -14.24 -1.32 23.53
CA VAL D 107 -13.58 -1.60 22.27
C VAL D 107 -12.10 -1.69 22.51
N VAL D 108 -11.47 -2.76 22.02
CA VAL D 108 -10.02 -2.88 22.12
C VAL D 108 -9.34 -1.98 21.11
N GLU D 109 -8.46 -1.11 21.62
CA GLU D 109 -7.67 -0.21 20.78
C GLU D 109 -6.22 -0.68 20.68
N GLY D 110 -5.74 -1.34 21.74
CA GLY D 110 -4.36 -1.84 21.81
C GLY D 110 -4.27 -3.10 22.65
N CYS D 111 -3.38 -4.01 22.24
CA CYS D 111 -3.19 -5.30 22.90
C CYS D 111 -1.76 -5.38 23.44
N GLY D 112 -1.59 -6.06 24.56
CA GLY D 112 -0.26 -6.17 25.15
C GLY D 112 -0.11 -7.39 26.02
N CYS D 113 1.10 -7.57 26.56
CA CYS D 113 1.34 -8.77 27.35
C CYS D 113 1.37 -8.43 28.84
N ARG D 114 0.52 -9.11 29.60
CA ARG D 114 0.43 -8.87 31.03
C ARG D 114 0.52 -10.17 31.85
N LEU E 35 15.11 6.98 27.77
CA LEU E 35 15.51 8.39 27.25
C LEU E 35 15.00 8.73 25.83
N PRO E 36 15.77 8.40 24.77
CA PRO E 36 15.65 9.10 23.48
C PRO E 36 14.30 8.95 22.74
N PHE E 37 14.22 9.62 21.57
CA PHE E 37 13.32 9.25 20.49
C PHE E 37 14.20 8.33 19.66
N LEU E 38 14.02 7.04 19.82
CA LEU E 38 14.90 6.08 19.17
C LEU E 38 14.18 5.31 18.07
N LYS E 39 14.82 5.27 16.90
CA LYS E 39 14.33 4.53 15.76
C LYS E 39 15.08 3.20 15.61
N CYS E 40 14.35 2.11 15.36
CA CYS E 40 14.98 0.79 15.26
C CYS E 40 14.43 0.05 14.06
N TYR E 41 15.23 -0.80 13.45
CA TYR E 41 14.67 -1.77 12.51
C TYR E 41 13.85 -2.81 13.26
N CYS E 42 12.80 -3.31 12.62
CA CYS E 42 12.01 -4.38 13.19
C CYS E 42 11.74 -5.42 12.11
N SER E 43 11.74 -6.68 12.54
CA SER E 43 11.55 -7.83 11.67
C SER E 43 11.11 -8.96 12.59
N GLY E 44 9.86 -9.38 12.46
CA GLY E 44 9.30 -10.38 13.36
C GLY E 44 8.65 -9.78 14.61
N HIS E 45 9.04 -8.57 14.99
CA HIS E 45 8.48 -7.91 16.18
C HIS E 45 7.84 -6.55 15.85
N CYS E 46 7.53 -6.34 14.59
CA CYS E 46 6.98 -5.05 14.14
C CYS E 46 5.59 -4.80 14.72
N PRO E 47 5.34 -3.58 15.21
CA PRO E 47 3.97 -3.18 15.55
C PRO E 47 3.17 -3.05 14.25
N ASP E 48 1.85 -3.11 14.31
CA ASP E 48 1.05 -3.07 13.07
C ASP E 48 1.08 -1.71 12.34
N ASP E 49 1.59 -0.68 12.99
CA ASP E 49 1.76 0.63 12.32
C ASP E 49 3.23 0.98 11.98
N ALA E 50 4.08 -0.04 11.81
CA ALA E 50 5.48 0.21 11.45
C ALA E 50 5.60 0.80 10.04
N ILE E 51 6.49 1.78 9.88
CA ILE E 51 6.83 2.27 8.53
C ILE E 51 8.26 1.89 8.20
N ASN E 52 8.47 1.47 6.95
CA ASN E 52 9.76 1.00 6.42
C ASN E 52 10.45 -0.08 7.27
N ASN E 53 9.65 -0.96 7.88
CA ASN E 53 10.16 -1.96 8.85
C ASN E 53 10.95 -1.31 9.99
N THR E 54 10.45 -0.19 10.49
CA THR E 54 11.08 0.51 11.61
C THR E 54 10.03 0.77 12.68
N CYS E 55 10.50 0.99 13.90
CA CYS E 55 9.61 1.29 15.02
C CYS E 55 10.33 2.30 15.86
N ILE E 56 9.60 3.03 16.70
CA ILE E 56 10.22 4.02 17.57
C ILE E 56 9.98 3.69 19.04
N THR E 57 10.92 4.07 19.91
CA THR E 57 10.93 3.63 21.31
C THR E 57 11.68 4.64 22.18
N ASN E 58 11.46 4.55 23.49
CA ASN E 58 12.26 5.25 24.49
C ASN E 58 13.38 4.37 25.05
N GLY E 59 13.46 3.13 24.58
CA GLY E 59 14.39 2.15 25.14
C GLY E 59 15.56 1.72 24.27
N HIS E 60 15.46 0.55 23.65
CA HIS E 60 16.60 -0.04 22.92
C HIS E 60 16.17 -0.68 21.63
N CYS E 61 17.11 -0.73 20.68
CA CYS E 61 16.98 -1.64 19.54
C CYS E 61 17.59 -2.98 19.90
N PHE E 62 17.02 -4.05 19.37
CA PHE E 62 17.57 -5.36 19.63
C PHE E 62 17.63 -6.18 18.35
N ALA E 63 18.53 -7.15 18.36
CA ALA E 63 18.54 -8.21 17.38
C ALA E 63 18.63 -9.49 18.19
N ILE E 64 17.98 -10.54 17.73
CA ILE E 64 18.02 -11.82 18.39
C ILE E 64 18.18 -12.96 17.36
N ILE E 65 19.15 -13.86 17.56
CA ILE E 65 19.16 -15.15 16.83
C ILE E 65 18.60 -16.17 17.78
N GLU E 66 17.73 -17.02 17.28
CA GLU E 66 17.17 -18.07 18.10
C GLU E 66 17.00 -19.37 17.32
N GLU E 67 17.15 -20.47 18.05
CA GLU E 67 17.01 -21.80 17.51
C GLU E 67 15.70 -22.35 18.06
N ASP E 68 14.78 -22.75 17.19
CA ASP E 68 13.51 -23.32 17.67
C ASP E 68 13.67 -24.78 18.10
N ASP E 69 12.58 -25.38 18.58
CA ASP E 69 12.61 -26.75 19.11
C ASP E 69 12.88 -27.81 18.04
N GLN E 70 13.07 -27.38 16.80
CA GLN E 70 13.41 -28.27 15.68
C GLN E 70 14.83 -28.04 15.17
N GLY E 71 15.52 -27.06 15.74
CA GLY E 71 16.89 -26.74 15.33
C GLY E 71 16.99 -25.75 14.17
N GLU E 72 15.86 -25.20 13.76
CA GLU E 72 15.86 -24.15 12.74
C GLU E 72 16.21 -22.82 13.41
N THR E 73 17.17 -22.09 12.84
CA THR E 73 17.59 -20.81 13.40
C THR E 73 17.02 -19.65 12.59
N THR E 74 16.46 -18.67 13.32
CA THR E 74 15.91 -17.46 12.73
C THR E 74 16.49 -16.21 13.39
N LEU E 75 16.34 -15.10 12.68
CA LEU E 75 16.75 -13.80 13.19
C LEU E 75 15.52 -12.90 13.29
N ALA E 76 15.50 -12.07 14.33
CA ALA E 76 14.41 -11.14 14.52
C ALA E 76 14.98 -9.89 15.15
N SER E 77 14.24 -8.79 15.03
CA SER E 77 14.73 -7.52 15.54
C SER E 77 13.56 -6.59 15.90
N GLY E 78 13.84 -5.56 16.68
CA GLY E 78 12.79 -4.64 17.05
C GLY E 78 13.19 -3.65 18.10
N CYS E 79 12.16 -3.09 18.73
CA CYS E 79 12.27 -2.06 19.75
C CYS E 79 11.92 -2.69 21.08
N MET E 80 12.61 -2.31 22.14
CA MET E 80 12.28 -2.72 23.50
C MET E 80 12.08 -1.48 24.40
N LYS E 81 10.97 -1.40 25.13
CA LYS E 81 10.77 -0.35 26.16
C LYS E 81 11.98 -0.29 27.09
N TYR E 82 12.27 0.90 27.60
CA TYR E 82 13.30 1.04 28.60
C TYR E 82 12.95 0.19 29.85
N GLU E 83 11.69 0.26 30.28
CA GLU E 83 11.23 -0.49 31.45
C GLU E 83 11.26 -2.01 31.24
N GLY E 84 12.06 -2.69 32.07
CA GLY E 84 12.29 -4.13 31.97
C GLY E 84 13.42 -4.52 31.02
N SER E 85 14.09 -3.53 30.43
CA SER E 85 15.14 -3.81 29.43
C SER E 85 16.40 -4.42 30.03
N ASP E 86 16.74 -4.07 31.28
CA ASP E 86 17.84 -4.74 32.00
C ASP E 86 17.68 -6.27 31.92
N PHE E 87 16.50 -6.78 32.28
CA PHE E 87 16.19 -8.23 32.24
C PHE E 87 16.24 -8.83 30.82
N GLN E 88 15.58 -8.15 29.88
CA GLN E 88 15.50 -8.66 28.51
C GLN E 88 16.83 -8.66 27.76
N CYS E 89 17.61 -7.59 27.93
CA CYS E 89 18.94 -7.52 27.32
C CYS E 89 19.90 -8.53 27.96
N LYS E 90 19.77 -8.74 29.27
CA LYS E 90 20.58 -9.76 29.93
C LYS E 90 20.20 -11.15 29.40
N ASP E 91 18.90 -11.45 29.40
CA ASP E 91 18.38 -12.79 29.07
C ASP E 91 18.79 -13.79 30.17
N SER E 92 18.26 -15.00 30.12
CA SER E 92 18.65 -16.09 31.03
C SER E 92 19.59 -17.06 30.33
N PRO E 93 20.77 -17.30 30.92
CA PRO E 93 21.65 -18.36 30.36
C PRO E 93 21.09 -19.78 30.51
N LYS E 94 19.95 -19.93 31.18
CA LYS E 94 19.35 -21.24 31.38
C LYS E 94 18.11 -21.45 30.54
N ALA E 95 17.85 -20.55 29.60
CA ALA E 95 16.73 -20.70 28.68
C ALA E 95 16.88 -22.05 27.98
N GLN E 96 15.77 -22.76 27.78
CA GLN E 96 15.80 -24.11 27.21
C GLN E 96 16.22 -24.12 25.74
N LEU E 97 15.84 -23.08 25.01
CA LEU E 97 16.29 -22.94 23.63
C LEU E 97 17.52 -22.04 23.54
N ARG E 98 18.38 -22.33 22.57
CA ARG E 98 19.56 -21.50 22.31
C ARG E 98 19.09 -20.22 21.63
N ARG E 99 19.59 -19.09 22.13
CA ARG E 99 19.28 -17.78 21.58
C ARG E 99 20.28 -16.78 22.13
N THR E 100 20.55 -15.73 21.36
CA THR E 100 21.36 -14.59 21.85
C THR E 100 20.67 -13.29 21.43
N ILE E 101 20.36 -12.47 22.41
CA ILE E 101 19.82 -11.14 22.15
C ILE E 101 20.93 -10.11 22.42
N GLU E 102 21.00 -9.09 21.57
CA GLU E 102 21.93 -7.98 21.75
C GLU E 102 21.13 -6.69 21.60
N CYS E 103 21.49 -5.70 22.40
CA CYS E 103 20.77 -4.42 22.47
C CYS E 103 21.73 -3.27 22.20
N CYS E 104 21.20 -2.17 21.67
CA CYS E 104 21.97 -0.95 21.47
C CYS E 104 21.02 0.25 21.46
N ARG E 105 21.55 1.46 21.61
CA ARG E 105 20.73 2.64 21.82
C ARG E 105 21.06 3.76 20.85
N THR E 106 21.36 3.41 19.61
CA THR E 106 21.71 4.39 18.61
C THR E 106 20.81 4.17 17.40
N ASN E 107 20.42 5.26 16.75
CA ASN E 107 19.51 5.19 15.61
C ASN E 107 19.75 4.07 14.59
N LEU E 108 18.76 3.20 14.45
CA LEU E 108 18.86 2.03 13.57
C LEU E 108 20.12 1.15 13.79
N CYS E 109 20.75 1.25 14.97
CA CYS E 109 21.97 0.48 15.31
C CYS E 109 21.73 -1.03 15.19
N ASN E 110 20.45 -1.37 15.29
CA ASN E 110 19.90 -2.68 15.00
C ASN E 110 20.51 -3.43 13.80
N GLN E 111 20.78 -2.68 12.73
CA GLN E 111 21.31 -3.24 11.49
C GLN E 111 22.73 -3.82 11.64
N TYR E 112 23.53 -3.24 12.52
CA TYR E 112 24.93 -3.64 12.69
C TYR E 112 25.11 -4.77 13.71
N LEU E 113 24.03 -5.15 14.39
CA LEU E 113 24.10 -6.25 15.36
C LEU E 113 24.05 -7.61 14.67
N GLN E 114 25.08 -8.40 14.89
CA GLN E 114 25.16 -9.76 14.38
C GLN E 114 25.40 -10.70 15.57
N PRO E 115 24.33 -11.01 16.32
CA PRO E 115 24.50 -11.95 17.42
C PRO E 115 24.72 -13.39 16.95
N THR E 116 25.48 -14.13 17.76
CA THR E 116 25.86 -15.51 17.50
C THR E 116 25.28 -16.40 18.63
N LEU E 117 24.73 -17.56 18.26
CA LEU E 117 24.13 -18.48 19.26
C LEU E 117 25.14 -18.94 20.32
N PRO E 118 24.70 -19.14 21.57
CA PRO E 118 25.66 -19.56 22.58
C PRO E 118 26.05 -21.06 22.43
N PRO E 119 27.16 -21.48 23.05
CA PRO E 119 27.58 -22.89 22.94
C PRO E 119 26.51 -23.84 23.46
N VAL E 120 26.30 -24.94 22.75
CA VAL E 120 25.40 -25.99 23.19
C VAL E 120 25.80 -26.47 24.59
N VAL E 121 24.83 -26.54 25.48
CA VAL E 121 25.04 -26.98 26.85
C VAL E 121 25.18 -28.51 26.87
N ILE E 122 26.33 -28.99 27.32
CA ILE E 122 26.55 -30.44 27.41
C ILE E 122 26.40 -30.90 28.87
N GLU F 7 -16.54 18.59 13.37
CA GLU F 7 -17.75 19.31 12.87
C GLU F 7 -18.85 19.35 13.93
N THR F 8 -19.18 18.19 14.49
CA THR F 8 -20.24 18.10 15.51
C THR F 8 -19.72 18.58 16.86
N GLN F 9 -20.07 19.82 17.20
CA GLN F 9 -19.60 20.44 18.44
C GLN F 9 -20.72 20.55 19.46
N GLU F 10 -21.96 20.57 18.98
CA GLU F 10 -23.14 20.58 19.85
C GLU F 10 -24.35 19.88 19.24
N CYS F 11 -25.25 19.47 20.13
CA CYS F 11 -26.46 18.77 19.75
C CYS F 11 -27.61 19.35 20.53
N LEU F 12 -28.81 19.14 20.01
CA LEU F 12 -30.02 19.40 20.76
C LEU F 12 -30.09 18.35 21.84
N PHE F 13 -30.53 18.76 23.02
CA PHE F 13 -30.64 17.87 24.15
C PHE F 13 -32.08 17.83 24.63
N PHE F 14 -32.55 16.62 24.94
CA PHE F 14 -33.84 16.42 25.58
C PHE F 14 -33.76 15.22 26.50
N ASN F 15 -34.36 15.35 27.67
CA ASN F 15 -34.51 14.24 28.59
C ASN F 15 -35.90 14.23 29.21
N ALA F 16 -36.75 13.31 28.74
CA ALA F 16 -38.10 13.14 29.28
C ALA F 16 -38.13 12.73 30.75
N ASN F 17 -37.06 12.09 31.23
CA ASN F 17 -36.95 11.65 32.63
C ASN F 17 -36.30 12.67 33.55
N TRP F 18 -36.24 13.92 33.11
CA TRP F 18 -35.48 14.95 33.81
C TRP F 18 -35.83 15.09 35.29
N GLU F 19 -37.12 15.00 35.62
CA GLU F 19 -37.60 15.13 37.01
C GLU F 19 -37.10 14.04 37.94
N ARG F 20 -37.05 12.81 37.42
CA ARG F 20 -36.56 11.66 38.19
C ARG F 20 -35.03 11.67 38.26
N ASP F 21 -34.39 11.95 37.13
CA ASP F 21 -32.92 11.98 37.05
C ASP F 21 -32.30 13.20 37.74
N ARG F 22 -33.12 14.21 38.03
CA ARG F 22 -32.67 15.52 38.53
C ARG F 22 -31.68 16.18 37.57
N THR F 23 -32.00 16.12 36.28
CA THR F 23 -31.17 16.75 35.25
C THR F 23 -31.96 17.89 34.60
N ASN F 24 -31.44 18.41 33.50
CA ASN F 24 -32.20 19.33 32.66
C ASN F 24 -33.10 18.62 31.68
N GLN F 25 -34.11 19.33 31.17
CA GLN F 25 -35.09 18.78 30.26
C GLN F 25 -34.74 19.02 28.80
N THR F 26 -34.53 20.28 28.42
CA THR F 26 -34.25 20.64 27.03
C THR F 26 -33.13 21.67 26.97
N GLY F 27 -32.42 21.68 25.85
CA GLY F 27 -31.46 22.71 25.58
C GLY F 27 -30.42 22.27 24.58
N VAL F 28 -29.20 22.74 24.76
CA VAL F 28 -28.09 22.42 23.88
C VAL F 28 -27.08 21.60 24.68
N GLU F 29 -26.46 20.65 24.01
CA GLU F 29 -25.42 19.83 24.63
C GLU F 29 -24.16 19.90 23.78
N PRO F 30 -23.04 20.33 24.39
CA PRO F 30 -21.76 20.26 23.70
C PRO F 30 -21.23 18.82 23.66
N CYS F 31 -20.65 18.43 22.53
CA CYS F 31 -20.10 17.08 22.35
C CYS F 31 -18.58 17.10 22.42
N TYR F 32 -18.01 16.28 23.29
CA TYR F 32 -16.56 16.14 23.40
C TYR F 32 -16.09 14.78 22.91
N GLY F 33 -14.98 14.79 22.17
CA GLY F 33 -14.45 13.62 21.57
C GLY F 33 -13.10 13.23 22.11
N ASP F 34 -12.74 12.09 21.61
CA ASP F 34 -11.50 11.52 21.87
C ASP F 34 -10.47 11.86 20.84
N LYS F 35 -9.75 10.95 20.30
CA LYS F 35 -8.62 11.55 19.68
C LYS F 35 -8.41 11.20 18.31
N ASP F 36 -9.27 12.00 17.83
CA ASP F 36 -9.67 12.12 16.57
C ASP F 36 -10.65 10.97 16.37
N LYS F 37 -11.61 10.91 17.34
CA LYS F 37 -12.80 10.10 17.16
C LYS F 37 -13.86 11.08 16.67
N ARG F 38 -14.79 10.60 15.86
CA ARG F 38 -15.89 11.44 15.39
C ARG F 38 -16.89 11.71 16.51
N ARG F 39 -17.74 12.71 16.31
CA ARG F 39 -18.79 13.04 17.27
C ARG F 39 -20.14 13.06 16.55
N HIS F 40 -21.19 12.64 17.26
CA HIS F 40 -22.50 12.45 16.64
C HIS F 40 -23.63 12.98 17.52
N CYS F 41 -24.79 13.18 16.92
CA CYS F 41 -26.02 13.46 17.67
C CYS F 41 -27.00 12.34 17.43
N PHE F 42 -27.92 12.14 18.36
CA PHE F 42 -28.98 11.17 18.19
C PHE F 42 -30.31 11.75 18.60
N ALA F 43 -31.37 11.17 18.06
CA ALA F 43 -32.73 11.40 18.52
C ALA F 43 -33.38 10.04 18.72
N THR F 44 -34.20 9.93 19.75
CA THR F 44 -35.00 8.74 19.98
C THR F 44 -36.40 9.13 20.43
N TRP F 45 -37.41 8.43 19.91
CA TRP F 45 -38.80 8.82 20.15
C TRP F 45 -39.81 7.69 20.03
N LYS F 46 -40.97 7.88 20.65
CA LYS F 46 -42.14 7.03 20.41
C LYS F 46 -43.06 7.69 19.40
N ASN F 47 -43.96 6.89 18.83
CA ASN F 47 -44.89 7.38 17.82
C ASN F 47 -46.23 6.64 17.85
N ILE F 48 -47.17 7.17 18.64
CA ILE F 48 -48.51 6.59 18.76
C ILE F 48 -49.43 7.12 17.67
N SER F 49 -49.55 6.36 16.58
CA SER F 49 -50.38 6.72 15.41
C SER F 49 -50.23 8.17 14.96
N GLY F 50 -49.01 8.55 14.60
CA GLY F 50 -48.71 9.89 14.07
C GLY F 50 -48.40 10.93 15.13
N SER F 51 -48.62 10.59 16.40
CA SER F 51 -48.31 11.47 17.52
C SER F 51 -46.88 11.19 18.02
N ILE F 52 -45.98 12.13 17.73
CA ILE F 52 -44.56 11.99 18.07
C ILE F 52 -44.26 12.40 19.53
N GLU F 53 -43.79 11.45 20.32
CA GLU F 53 -43.36 11.70 21.71
C GLU F 53 -41.85 11.51 21.85
N ILE F 54 -41.10 12.61 21.85
CA ILE F 54 -39.64 12.57 22.01
C ILE F 54 -39.24 11.99 23.37
N VAL F 55 -38.28 11.08 23.35
CA VAL F 55 -37.80 10.43 24.57
C VAL F 55 -36.44 11.01 24.98
N LYS F 56 -35.51 11.06 24.04
CA LYS F 56 -34.16 11.57 24.28
C LYS F 56 -33.52 12.15 23.03
N GLN F 57 -32.73 13.19 23.25
CA GLN F 57 -31.85 13.74 22.23
C GLN F 57 -30.54 14.10 22.91
N GLY F 58 -29.43 13.98 22.18
CA GLY F 58 -28.16 14.42 22.73
C GLY F 58 -26.99 13.99 21.89
N CYS F 59 -25.81 14.01 22.51
CA CYS F 59 -24.58 13.59 21.86
C CYS F 59 -24.46 12.07 21.84
N TRP F 60 -23.71 11.58 20.87
CA TRP F 60 -23.54 10.16 20.66
C TRP F 60 -22.09 9.96 20.30
N LEU F 61 -21.46 8.98 20.94
CA LEU F 61 -20.05 8.68 20.69
C LEU F 61 -19.83 8.06 19.33
N ASP F 62 -18.63 8.28 18.78
CA ASP F 62 -18.14 7.65 17.56
C ASP F 62 -18.77 6.28 17.30
N ASP F 63 -19.45 6.17 16.15
CA ASP F 63 -20.28 5.02 15.82
C ASP F 63 -20.36 4.92 14.30
N ILE F 64 -19.86 3.82 13.76
CA ILE F 64 -19.81 3.58 12.33
C ILE F 64 -21.19 3.70 11.64
N ASN F 65 -22.25 3.38 12.39
CA ASN F 65 -23.62 3.54 11.91
C ASN F 65 -24.08 4.98 11.70
N CYS F 66 -23.30 5.94 12.19
CA CYS F 66 -23.65 7.35 12.08
C CYS F 66 -22.72 8.12 11.14
N TYR F 67 -21.72 7.45 10.59
CA TYR F 67 -20.75 8.12 9.70
C TYR F 67 -21.43 8.70 8.45
N ASP F 68 -21.16 9.97 8.19
CA ASP F 68 -21.55 10.66 6.95
C ASP F 68 -23.06 10.67 6.73
N ARG F 69 -23.80 10.77 7.83
CA ARG F 69 -25.25 10.90 7.79
C ARG F 69 -25.58 12.29 8.28
N THR F 70 -25.95 13.17 7.35
CA THR F 70 -26.18 14.57 7.66
C THR F 70 -27.61 14.84 8.12
N ASP F 71 -28.51 13.90 7.82
CA ASP F 71 -29.88 13.93 8.34
C ASP F 71 -30.11 12.78 9.33
N CYS F 72 -31.04 13.00 10.25
CA CYS F 72 -31.41 12.02 11.26
C CYS F 72 -32.67 11.24 10.85
N ILE F 73 -32.48 10.06 10.27
CA ILE F 73 -33.62 9.24 9.82
C ILE F 73 -33.63 7.81 10.34
N GLU F 74 -34.76 7.42 10.92
CA GLU F 74 -35.03 6.03 11.27
C GLU F 74 -35.44 5.27 10.01
N LYS F 75 -34.68 4.23 9.68
CA LYS F 75 -34.90 3.47 8.45
C LYS F 75 -35.46 2.06 8.69
N LYS F 76 -35.71 1.71 9.94
CA LYS F 76 -36.28 0.41 10.28
C LYS F 76 -37.80 0.45 10.18
N ASP F 77 -38.41 -0.72 9.96
CA ASP F 77 -39.85 -0.82 9.76
C ASP F 77 -40.63 -0.86 11.08
N SER F 78 -41.49 0.14 11.25
CA SER F 78 -42.38 0.29 12.41
C SER F 78 -41.78 -0.24 13.73
N PRO F 79 -40.73 0.44 14.24
CA PRO F 79 -40.17 0.06 15.53
C PRO F 79 -41.06 0.55 16.67
N GLU F 80 -40.86 0.01 17.87
CA GLU F 80 -41.62 0.44 19.04
C GLU F 80 -40.97 1.65 19.70
N VAL F 81 -39.64 1.75 19.56
CA VAL F 81 -38.86 2.93 19.95
C VAL F 81 -38.02 3.32 18.74
N TYR F 82 -38.29 4.49 18.17
CA TYR F 82 -37.60 4.98 16.99
C TYR F 82 -36.26 5.62 17.36
N PHE F 83 -35.25 5.45 16.49
CA PHE F 83 -33.90 5.97 16.73
C PHE F 83 -33.23 6.43 15.44
N CYS F 84 -32.48 7.54 15.52
CA CYS F 84 -31.55 7.93 14.47
C CYS F 84 -30.34 8.63 15.06
N CYS F 85 -29.22 8.55 14.36
CA CYS F 85 -28.04 9.31 14.69
C CYS F 85 -27.44 9.88 13.42
N CYS F 86 -26.70 10.98 13.58
CA CYS F 86 -26.17 11.72 12.45
C CYS F 86 -24.85 12.41 12.81
N GLU F 87 -24.19 12.98 11.81
CA GLU F 87 -23.05 13.88 12.01
C GLU F 87 -23.42 15.31 11.64
N GLY F 88 -22.83 16.27 12.34
CA GLY F 88 -23.04 17.67 12.03
C GLY F 88 -23.67 18.42 13.18
N ASN F 89 -23.20 19.65 13.39
CA ASN F 89 -23.71 20.50 14.45
C ASN F 89 -25.24 20.53 14.46
N MET F 90 -25.82 20.30 15.64
CA MET F 90 -27.28 20.36 15.86
C MET F 90 -28.13 19.48 14.93
N CYS F 91 -27.53 18.45 14.34
CA CYS F 91 -28.20 17.59 13.34
C CYS F 91 -29.41 16.79 13.85
N ASN F 92 -29.57 16.70 15.17
CA ASN F 92 -30.70 15.97 15.77
C ASN F 92 -31.92 16.86 16.05
N GLU F 93 -31.82 18.13 15.66
CA GLU F 93 -32.88 19.11 15.81
C GLU F 93 -34.17 18.70 15.09
N LYS F 94 -34.03 18.18 13.87
CA LYS F 94 -35.15 17.62 13.12
C LYS F 94 -34.85 16.19 12.70
N PHE F 95 -35.86 15.32 12.79
CA PHE F 95 -35.70 13.89 12.48
C PHE F 95 -36.89 13.31 11.71
N SER F 96 -36.62 12.31 10.88
CA SER F 96 -37.61 11.74 9.96
C SER F 96 -37.72 10.20 10.04
N TYR F 97 -38.70 9.65 9.31
CA TYR F 97 -38.95 8.21 9.26
C TYR F 97 -39.16 7.72 7.82
N PHE F 98 -38.28 6.84 7.36
CA PHE F 98 -38.37 6.24 6.02
C PHE F 98 -37.99 4.76 6.06
N PRO F 99 -38.99 3.87 6.29
CA PRO F 99 -38.76 2.42 6.44
C PRO F 99 -38.18 1.74 5.19
C1 NDG G . 26.13 -18.10 -42.74
C2 NDG G . 26.83 -16.73 -42.68
C3 NDG G . 28.34 -16.91 -42.62
C4 NDG G . 28.72 -17.99 -41.61
C5 NDG G . 28.11 -19.35 -42.00
C6 NDG G . 27.83 -20.28 -40.79
C7 NDG G . 25.93 -14.61 -43.65
C8 NDG G . 25.62 -13.84 -44.90
O5 NDG G . 26.98 -19.23 -42.86
O3 NDG G . 28.91 -15.67 -42.25
O4 NDG G . 30.12 -18.13 -41.62
O6 NDG G . 26.54 -20.05 -40.21
O7 NDG G . 25.68 -14.09 -42.55
N2 NDG G . 26.45 -15.85 -43.80
O1 NDG G . 25.27 -18.29 -41.63
C1 NDG H . -3.29 -25.91 -45.24
C2 NDG H . -3.00 -26.53 -43.88
C3 NDG H . -3.74 -27.87 -43.72
C4 NDG H . -5.15 -27.76 -44.30
C5 NDG H . -5.13 -27.39 -45.78
C6 NDG H . -6.30 -26.47 -46.18
C7 NDG H . -0.80 -25.75 -43.02
C8 NDG H . -1.08 -24.29 -43.23
O5 NDG H . -3.89 -26.80 -46.17
O3 NDG H . -3.80 -28.20 -42.35
O4 NDG H . -5.83 -29.00 -44.15
O6 NDG H . -6.13 -26.05 -47.51
O7 NDG H . 0.12 -26.08 -42.27
N2 NDG H . -1.56 -26.67 -43.66
O1 NDG H . -2.08 -25.49 -45.80
C1 NDG I . -24.92 22.58 33.84
C2 NDG I . -26.45 22.44 34.01
C3 NDG I . -27.26 23.26 32.99
C4 NDG I . -26.74 24.68 32.70
C5 NDG I . -25.28 24.90 33.09
C6 NDG I . -25.10 25.66 34.42
C7 NDG I . -27.00 20.23 35.02
C8 NDG I . -26.03 19.08 35.14
O5 NDG I . -24.53 23.68 33.03
O3 NDG I . -28.57 23.40 33.48
O4 NDG I . -26.94 24.98 31.33
O6 NDG I . -26.31 25.66 35.17
O7 NDG I . -27.87 20.39 35.89
N2 NDG I . -26.85 21.02 33.95
O1 NDG I . -24.37 21.39 33.30
C1 NDG J . -45.03 8.48 11.95
C2 NDG J . -43.89 9.07 11.12
C3 NDG J . -44.37 9.62 9.77
C4 NDG J . -45.50 8.82 9.11
C5 NDG J . -46.48 8.15 10.08
C6 NDG J . -47.30 7.05 9.38
C7 NDG J . -41.99 9.93 12.50
C8 NDG J . -41.62 8.58 13.06
O5 NDG J . -45.83 7.57 11.19
O3 NDG J . -43.26 9.65 8.89
O4 NDG J . -46.23 9.70 8.27
O6 NDG J . -46.30 5.85 9.21
O7 NDG J . -41.19 10.86 12.63
N2 NDG J . -43.18 10.08 11.90
O1 NDG J . -45.82 9.51 12.52
#